data_5KOX
#
_entry.id   5KOX
#
_cell.length_a   81.439
_cell.length_b   81.439
_cell.length_c   287.354
_cell.angle_alpha   90.000
_cell.angle_beta   90.000
_cell.angle_gamma   120.000
#
_symmetry.space_group_name_H-M   'P 65 2 2'
#
loop_
_entity.id
_entity.type
_entity.pdbx_description
1 polymer 'Pentachlorophenol 4-monooxygenase'
2 non-polymer 'FLAVIN-ADENINE DINUCLEOTIDE'
3 non-polymer RIFAMPICIN
4 water water
#
_entity_poly.entity_id   1
_entity_poly.type   'polypeptide(L)'
_entity_poly.pdbx_seq_one_letter_code
;GSHMIDVIIAGGGPTGLMLAGELRLHGVRTVVLEKEPTPNQHSRSRGLHARSIEVMDQRGLLERFLAHGEQFRVGGFFAG
LAAEWPADLDTAHSYVLAIPQVVTERLLTEHATELGAEIRRGCEVAGLDQDADGVTAELADGTRLRARYLVGCDGGRSTV
RRLLGVDFPGEPTRVETLLADVRIDVPVETLTAVVAEVRKTQLRFGAVPAGDGFFRLIVPAQGLSADRAAPTLDELKRCL
HATAGTDFGVHSPRWLSRFGDATRLAERYRTGRVLLAGDAAHIHPPTGGQGLNLGIQDAFNLGWKLAAAIGGWAPPDLLD
SYHDERHPVAAEVLDNTRAQMTLLSLDPGPRAVRRLMAELVEFPDVNRHLIEKITAIAVRYDLGDGHDLVGRRLRDIPLT
EGRLYERMRGGRGLLLDRTGRLSVSGWSDRVDHLADPGAALDVPAALLRPDGHVAWVGEDQDDLLAHLPRWFGAAT
;
_entity_poly.pdbx_strand_id   A
#
# COMPACT_ATOMS: atom_id res chain seq x y z
N MET A 4 0.49 -9.62 28.96
CA MET A 4 1.55 -9.17 28.09
C MET A 4 1.02 -8.76 26.69
N ILE A 5 1.64 -7.73 26.14
CA ILE A 5 1.31 -7.31 24.78
C ILE A 5 1.93 -8.30 23.81
N ASP A 6 1.21 -8.69 22.80
CA ASP A 6 1.77 -9.59 21.78
C ASP A 6 2.58 -8.85 20.73
N VAL A 7 2.04 -7.79 20.15
CA VAL A 7 2.73 -7.02 19.12
C VAL A 7 2.60 -5.56 19.44
N ILE A 8 3.73 -4.84 19.45
CA ILE A 8 3.72 -3.39 19.41
C ILE A 8 3.94 -2.95 17.98
N ILE A 9 3.14 -1.99 17.52
CA ILE A 9 3.26 -1.39 16.21
C ILE A 9 3.79 0.02 16.49
N ALA A 10 4.97 0.34 15.96
CA ALA A 10 5.47 1.73 16.02
C ALA A 10 4.92 2.47 14.81
N GLY A 11 4.00 3.40 15.04
CA GLY A 11 3.49 4.25 13.96
C GLY A 11 2.03 3.93 13.66
N GLY A 12 1.13 4.91 13.76
CA GLY A 12 -0.29 4.68 13.45
C GLY A 12 -0.76 5.35 12.17
N GLY A 13 0.08 5.30 11.15
CA GLY A 13 -0.34 5.62 9.80
C GLY A 13 -1.17 4.49 9.20
N PRO A 14 -1.53 4.64 7.93
CA PRO A 14 -2.36 3.62 7.30
C PRO A 14 -1.75 2.23 7.39
N THR A 15 -0.43 2.09 7.23
CA THR A 15 0.18 0.75 7.32
C THR A 15 -0.03 0.16 8.72
N GLY A 16 0.40 0.90 9.75
CA GLY A 16 0.26 0.40 11.10
C GLY A 16 -1.19 0.10 11.45
N LEU A 17 -2.10 1.01 11.08
CA LEU A 17 -3.53 0.81 11.41
C LEU A 17 -4.11 -0.42 10.71
N MET A 18 -3.70 -0.63 9.44
CA MET A 18 -4.16 -1.83 8.75
C MET A 18 -3.63 -3.08 9.42
N LEU A 19 -2.35 -3.06 9.78
CA LEU A 19 -1.75 -4.21 10.44
C LEU A 19 -2.46 -4.48 11.76
N ALA A 20 -2.78 -3.41 12.45
CA ALA A 20 -3.45 -3.54 13.75
C ALA A 20 -4.79 -4.25 13.59
N GLY A 21 -5.55 -3.88 12.55
CA GLY A 21 -6.82 -4.56 12.28
C GLY A 21 -6.64 -6.03 11.95
N GLU A 22 -5.66 -6.35 11.07
CA GLU A 22 -5.40 -7.75 10.71
C GLU A 22 -5.04 -8.58 11.91
N LEU A 23 -4.22 -8.03 12.79
CA LEU A 23 -3.81 -8.77 13.98
C LEU A 23 -5.00 -9.01 14.89
N ARG A 24 -5.88 -8.00 15.04
CA ARG A 24 -6.99 -8.13 15.99
C ARG A 24 -7.99 -9.17 15.53
N LEU A 25 -8.05 -9.47 14.22
CA LEU A 25 -8.92 -10.54 13.76
C LEU A 25 -8.63 -11.83 14.46
N HIS A 26 -7.38 -12.04 14.90
CA HIS A 26 -6.93 -13.26 15.55
C HIS A 26 -6.74 -13.12 17.03
N GLY A 27 -7.21 -12.02 17.59
CA GLY A 27 -7.15 -11.93 19.02
C GLY A 27 -5.76 -11.66 19.50
N VAL A 28 -4.87 -11.22 18.59
CA VAL A 28 -3.53 -10.80 19.00
C VAL A 28 -3.69 -9.51 19.79
N ARG A 29 -3.06 -9.44 20.96
CA ARG A 29 -3.06 -8.21 21.73
C ARG A 29 -2.12 -7.20 21.09
N THR A 30 -2.68 -6.08 20.63
CA THR A 30 -1.94 -5.19 19.77
C THR A 30 -1.99 -3.76 20.29
N VAL A 31 -0.82 -3.17 20.45
CA VAL A 31 -0.73 -1.78 20.89
C VAL A 31 -0.03 -0.98 19.79
N VAL A 32 -0.65 0.10 19.35
CA VAL A 32 -0.09 1.01 18.35
C VAL A 32 0.45 2.25 19.06
N LEU A 33 1.72 2.56 18.87
CA LEU A 33 2.31 3.73 19.51
C LEU A 33 2.45 4.75 18.40
N GLU A 34 1.65 5.81 18.44
CA GLU A 34 1.68 6.84 17.42
C GLU A 34 2.19 8.14 18.04
N LYS A 35 3.24 8.71 17.44
CA LYS A 35 3.90 9.81 18.12
C LYS A 35 3.05 11.07 18.13
N GLU A 36 2.19 11.28 17.12
CA GLU A 36 1.46 12.57 17.11
C GLU A 36 0.25 12.54 18.03
N PRO A 37 0.01 13.61 18.81
CA PRO A 37 -1.16 13.65 19.74
C PRO A 37 -2.48 13.76 19.03
N THR A 38 -2.52 14.30 17.81
CA THR A 38 -3.79 14.43 17.10
C THR A 38 -3.57 13.99 15.67
N PRO A 39 -4.62 13.51 15.02
CA PRO A 39 -4.45 13.02 13.65
C PRO A 39 -3.93 14.13 12.74
N ASN A 40 -3.05 13.71 11.85
CA ASN A 40 -2.54 14.59 10.82
C ASN A 40 -3.70 15.03 9.93
N GLN A 41 -3.75 16.35 9.66
CA GLN A 41 -4.81 16.98 8.90
C GLN A 41 -4.50 17.10 7.41
N HIS A 42 -3.24 16.96 7.00
CA HIS A 42 -2.84 17.10 5.59
C HIS A 42 -2.76 15.74 4.91
N SER A 43 -3.42 15.59 3.77
CA SER A 43 -3.45 14.32 3.04
C SER A 43 -2.38 14.28 1.97
N ARG A 44 -1.61 13.20 1.92
CA ARG A 44 -0.83 12.90 0.72
C ARG A 44 -1.63 12.06 -0.26
N SER A 45 -1.92 10.82 0.12
CA SER A 45 -2.58 9.89 -0.78
C SER A 45 -3.91 10.50 -1.21
N ARG A 46 -4.28 10.23 -2.47
CA ARG A 46 -5.56 10.68 -2.99
C ARG A 46 -6.53 9.52 -3.21
N GLY A 47 -6.15 8.28 -2.90
CA GLY A 47 -7.07 7.21 -3.16
C GLY A 47 -6.42 5.84 -3.13
N LEU A 48 -7.28 4.85 -3.25
CA LEU A 48 -6.93 3.43 -3.26
C LEU A 48 -7.02 2.86 -4.68
N HIS A 49 -6.17 1.88 -4.95
CA HIS A 49 -6.17 1.20 -6.24
C HIS A 49 -6.83 -0.18 -6.04
N ALA A 50 -7.08 -0.87 -7.15
CA ALA A 50 -7.97 -2.02 -7.14
C ALA A 50 -7.53 -3.09 -6.15
N ARG A 51 -6.23 -3.45 -6.11
CA ARG A 51 -5.88 -4.48 -5.13
C ARG A 51 -6.27 -4.07 -3.70
N SER A 52 -6.04 -2.79 -3.31
CA SER A 52 -6.40 -2.39 -1.96
C SER A 52 -7.91 -2.43 -1.76
N ILE A 53 -8.66 -2.05 -2.80
CA ILE A 53 -10.11 -2.04 -2.73
C ILE A 53 -10.60 -3.46 -2.53
N GLU A 54 -9.96 -4.39 -3.21
CA GLU A 54 -10.26 -5.80 -3.00
C GLU A 54 -9.99 -6.21 -1.57
N VAL A 55 -8.81 -5.84 -1.08
CA VAL A 55 -8.45 -6.16 0.30
C VAL A 55 -9.49 -5.60 1.28
N MET A 56 -9.91 -4.34 1.10
CA MET A 56 -10.94 -3.80 2.00
C MET A 56 -12.22 -4.65 1.93
N ASP A 57 -12.59 -5.11 0.75
CA ASP A 57 -13.82 -5.89 0.61
C ASP A 57 -13.68 -7.28 1.24
N GLN A 58 -12.48 -7.90 1.15
CA GLN A 58 -12.23 -9.16 1.86
C GLN A 58 -12.32 -9.00 3.38
N ARG A 59 -12.25 -7.76 3.89
CA ARG A 59 -12.35 -7.54 5.34
C ARG A 59 -13.61 -6.78 5.73
N GLY A 60 -14.57 -6.66 4.82
CA GLY A 60 -15.88 -6.06 5.06
C GLY A 60 -15.84 -4.56 5.25
N LEU A 61 -14.79 -3.92 4.79
CA LEU A 61 -14.59 -2.49 4.92
C LEU A 61 -14.93 -1.74 3.64
N LEU A 62 -15.28 -2.45 2.57
CA LEU A 62 -15.43 -1.72 1.31
C LEU A 62 -16.62 -0.76 1.39
N GLU A 63 -17.72 -1.15 2.07
CA GLU A 63 -18.90 -0.30 2.03
C GLU A 63 -18.59 1.05 2.63
N ARG A 64 -17.86 1.06 3.75
CA ARG A 64 -17.55 2.34 4.38
C ARG A 64 -16.52 3.12 3.58
N PHE A 65 -15.56 2.45 2.88
CA PHE A 65 -14.70 3.21 2.00
C PHE A 65 -15.50 3.83 0.85
N LEU A 66 -16.41 3.06 0.22
CA LEU A 66 -17.19 3.63 -0.88
C LEU A 66 -18.04 4.78 -0.41
N ALA A 67 -18.54 4.72 0.84
CA ALA A 67 -19.40 5.76 1.38
C ALA A 67 -18.66 7.07 1.63
N HIS A 68 -17.34 7.07 1.52
CA HIS A 68 -16.48 8.18 1.86
C HIS A 68 -15.59 8.58 0.70
N GLY A 69 -15.82 8.01 -0.46
CA GLY A 69 -14.92 8.29 -1.58
C GLY A 69 -15.71 8.29 -2.86
N GLU A 70 -14.99 8.54 -3.96
CA GLU A 70 -15.64 8.59 -5.27
C GLU A 70 -14.90 7.66 -6.24
N GLN A 71 -15.67 6.88 -7.01
CA GLN A 71 -15.10 5.91 -7.94
C GLN A 71 -14.77 6.57 -9.27
N PHE A 72 -13.54 6.37 -9.76
CA PHE A 72 -13.07 6.94 -11.04
C PHE A 72 -12.64 5.81 -11.96
N ARG A 73 -12.92 5.97 -13.28
CA ARG A 73 -12.43 5.05 -14.32
C ARG A 73 -11.91 5.98 -15.41
N VAL A 74 -10.68 6.49 -15.22
CA VAL A 74 -10.10 7.49 -16.09
C VAL A 74 -8.68 7.07 -16.38
N GLY A 75 -8.12 7.57 -17.50
CA GLY A 75 -6.73 7.29 -17.84
C GLY A 75 -5.79 8.19 -17.07
N GLY A 76 -4.49 8.06 -17.36
CA GLY A 76 -3.51 8.97 -16.82
C GLY A 76 -2.71 8.48 -15.64
N PHE A 77 -2.93 7.25 -15.15
CA PHE A 77 -2.28 6.84 -13.92
C PHE A 77 -0.84 6.40 -14.11
N PHE A 78 -0.41 6.00 -15.31
CA PHE A 78 1.00 5.66 -15.49
C PHE A 78 1.69 6.82 -16.17
N ALA A 79 2.46 7.57 -15.39
CA ALA A 79 3.20 8.75 -15.86
C ALA A 79 2.29 9.71 -16.58
N GLY A 80 1.04 9.82 -16.14
CA GLY A 80 0.18 10.74 -16.81
C GLY A 80 -0.24 10.35 -18.20
N LEU A 81 0.09 9.14 -18.65
CA LEU A 81 -0.22 8.80 -20.01
C LEU A 81 -1.72 8.63 -20.12
N ALA A 82 -2.30 9.63 -20.81
CA ALA A 82 -3.72 9.70 -21.11
C ALA A 82 -4.14 8.39 -21.71
N ALA A 83 -5.20 7.86 -21.19
CA ALA A 83 -5.84 6.86 -22.02
C ALA A 83 -7.33 6.93 -21.75
N GLU A 84 -7.94 5.79 -21.84
CA GLU A 84 -9.13 5.49 -21.07
C GLU A 84 -8.71 4.43 -20.07
N TRP A 85 -9.58 4.21 -19.10
CA TRP A 85 -9.38 3.10 -18.19
C TRP A 85 -9.45 1.80 -18.98
N PRO A 86 -8.59 0.82 -18.70
CA PRO A 86 -8.64 -0.43 -19.47
C PRO A 86 -9.96 -1.14 -19.24
N ALA A 87 -10.53 -1.65 -20.34
CA ALA A 87 -11.87 -2.21 -20.31
C ALA A 87 -11.92 -3.56 -19.62
N ASP A 88 -10.83 -4.32 -19.69
CA ASP A 88 -10.80 -5.74 -19.38
C ASP A 88 -9.83 -6.04 -18.25
N LEU A 89 -9.70 -5.13 -17.29
CA LEU A 89 -8.79 -5.37 -16.19
C LEU A 89 -9.33 -6.53 -15.37
N ASP A 90 -8.44 -7.45 -15.00
CA ASP A 90 -8.89 -8.72 -14.42
C ASP A 90 -9.13 -8.59 -12.90
N THR A 91 -10.18 -7.84 -12.56
CA THR A 91 -10.59 -7.63 -11.18
C THR A 91 -12.09 -7.38 -11.22
N ALA A 92 -12.79 -7.74 -10.15
CA ALA A 92 -14.20 -7.37 -9.99
C ALA A 92 -14.34 -5.95 -9.45
N HIS A 93 -13.21 -5.30 -9.16
CA HIS A 93 -13.15 -4.01 -8.49
C HIS A 93 -12.38 -3.02 -9.41
N SER A 94 -12.87 -2.86 -10.63
CA SER A 94 -12.06 -2.19 -11.68
C SER A 94 -12.37 -0.71 -11.63
N TYR A 95 -11.69 -0.02 -10.69
CA TYR A 95 -11.78 1.43 -10.54
C TYR A 95 -10.72 1.93 -9.56
N VAL A 96 -10.58 3.26 -9.50
CA VAL A 96 -9.76 3.96 -8.53
C VAL A 96 -10.73 4.58 -7.56
N LEU A 97 -10.46 4.45 -6.25
CA LEU A 97 -11.37 5.05 -5.25
C LEU A 97 -10.68 6.32 -4.79
N ALA A 98 -11.14 7.47 -5.29
CA ALA A 98 -10.61 8.72 -4.79
C ALA A 98 -11.10 8.93 -3.37
N ILE A 99 -10.16 9.03 -2.43
CA ILE A 99 -10.50 9.29 -1.03
C ILE A 99 -9.24 9.85 -0.39
N PRO A 100 -9.33 10.94 0.32
CA PRO A 100 -8.11 11.55 0.86
C PRO A 100 -7.50 10.69 1.95
N GLN A 101 -6.17 10.78 2.07
CA GLN A 101 -5.47 9.96 3.06
C GLN A 101 -6.03 10.19 4.48
N VAL A 102 -6.38 11.43 4.85
CA VAL A 102 -6.89 11.66 6.20
C VAL A 102 -8.12 10.80 6.46
N VAL A 103 -8.95 10.66 5.44
CA VAL A 103 -10.17 9.90 5.59
C VAL A 103 -9.85 8.42 5.68
N THR A 104 -8.95 7.95 4.85
CA THR A 104 -8.50 6.56 4.90
C THR A 104 -7.99 6.22 6.31
N GLU A 105 -7.17 7.11 6.89
CA GLU A 105 -6.66 6.87 8.25
C GLU A 105 -7.80 6.90 9.28
N ARG A 106 -8.78 7.80 9.11
CA ARG A 106 -9.91 7.76 10.04
C ARG A 106 -10.61 6.39 9.98
N LEU A 107 -10.91 5.93 8.76
CA LEU A 107 -11.64 4.68 8.64
C LEU A 107 -10.82 3.54 9.21
N LEU A 108 -9.52 3.52 8.90
CA LEU A 108 -8.71 2.44 9.42
C LEU A 108 -8.58 2.52 10.94
N THR A 109 -8.51 3.74 11.49
CA THR A 109 -8.47 3.92 12.96
C THR A 109 -9.76 3.44 13.60
N GLU A 110 -10.89 3.86 13.06
CA GLU A 110 -12.14 3.44 13.69
C GLU A 110 -12.29 1.92 13.64
N HIS A 111 -11.79 1.28 12.56
CA HIS A 111 -11.87 -0.16 12.43
C HIS A 111 -10.93 -0.88 13.40
N ALA A 112 -9.68 -0.42 13.49
CA ALA A 112 -8.79 -1.08 14.47
C ALA A 112 -9.31 -0.94 15.88
N THR A 113 -9.81 0.25 16.23
CA THR A 113 -10.30 0.51 17.58
C THR A 113 -11.51 -0.37 17.88
N GLU A 114 -12.39 -0.54 16.89
CA GLU A 114 -13.58 -1.36 17.18
C GLU A 114 -13.24 -2.84 17.31
N LEU A 115 -12.13 -3.29 16.71
CA LEU A 115 -11.63 -4.66 16.89
C LEU A 115 -10.77 -4.83 18.11
N GLY A 116 -10.48 -3.75 18.83
CA GLY A 116 -9.83 -3.85 20.12
C GLY A 116 -8.35 -3.55 20.13
N ALA A 117 -7.81 -3.01 19.04
CA ALA A 117 -6.42 -2.56 19.09
C ALA A 117 -6.34 -1.37 20.03
N GLU A 118 -5.25 -1.27 20.75
CA GLU A 118 -5.03 -0.15 21.65
C GLU A 118 -4.14 0.85 20.96
N ILE A 119 -4.71 1.99 20.58
CA ILE A 119 -3.97 3.05 19.95
C ILE A 119 -3.62 4.07 21.00
N ARG A 120 -2.32 4.39 21.09
CA ARG A 120 -1.78 5.28 22.11
C ARG A 120 -1.13 6.45 21.41
N ARG A 121 -1.80 7.60 21.38
CA ARG A 121 -1.20 8.75 20.69
C ARG A 121 -0.30 9.51 21.63
N GLY A 122 0.59 10.33 21.06
CA GLY A 122 1.58 11.01 21.90
C GLY A 122 2.72 10.11 22.36
N CYS A 123 2.87 8.91 21.80
CA CYS A 123 3.87 7.94 22.25
C CYS A 123 4.88 7.76 21.14
N GLU A 124 6.11 8.19 21.39
CA GLU A 124 7.15 8.21 20.39
C GLU A 124 8.17 7.14 20.75
N VAL A 125 8.31 6.15 19.88
CA VAL A 125 9.38 5.18 20.10
C VAL A 125 10.71 5.86 19.91
N ALA A 126 11.56 5.77 20.94
CA ALA A 126 12.90 6.32 20.86
C ALA A 126 13.98 5.24 20.78
N GLY A 127 13.72 4.04 21.32
CA GLY A 127 14.77 3.04 21.41
C GLY A 127 14.14 1.67 21.45
N LEU A 128 14.96 0.65 21.23
CA LEU A 128 14.43 -0.70 21.28
C LEU A 128 15.52 -1.64 21.76
N ASP A 129 15.09 -2.81 22.23
CA ASP A 129 16.01 -3.82 22.74
C ASP A 129 15.30 -5.14 22.58
N GLN A 130 15.90 -6.10 21.87
CA GLN A 130 15.25 -7.39 21.74
C GLN A 130 16.21 -8.49 22.18
N ASP A 131 15.61 -9.63 22.51
CA ASP A 131 16.34 -10.84 22.86
C ASP A 131 15.51 -12.04 22.40
N ALA A 132 15.91 -13.23 22.87
CA ALA A 132 15.35 -14.48 22.35
C ALA A 132 13.83 -14.53 22.55
N ASP A 133 13.33 -13.86 23.59
CA ASP A 133 11.95 -14.01 24.05
C ASP A 133 11.01 -12.87 23.65
N GLY A 134 11.51 -11.65 23.43
CA GLY A 134 10.63 -10.53 23.15
C GLY A 134 11.40 -9.30 22.72
N VAL A 135 10.68 -8.18 22.65
CA VAL A 135 11.23 -6.87 22.28
C VAL A 135 10.78 -5.84 23.31
N THR A 136 11.66 -4.92 23.68
CA THR A 136 11.26 -3.79 24.51
C THR A 136 11.29 -2.54 23.64
N ALA A 137 10.21 -1.77 23.68
CA ALA A 137 10.22 -0.43 23.08
C ALA A 137 10.39 0.60 24.18
N GLU A 138 11.34 1.52 24.01
CA GLU A 138 11.55 2.62 24.93
C GLU A 138 10.94 3.87 24.30
N LEU A 139 10.08 4.53 25.04
CA LEU A 139 9.45 5.75 24.54
C LEU A 139 10.30 6.91 24.94
N ALA A 140 10.11 8.03 24.24
CA ALA A 140 10.89 9.23 24.50
C ALA A 140 10.58 9.82 25.86
N ASP A 141 9.47 9.43 26.51
CA ASP A 141 9.24 9.93 27.86
C ASP A 141 9.89 9.05 28.94
N GLY A 142 10.71 8.07 28.53
CA GLY A 142 11.35 7.21 29.50
C GLY A 142 10.58 5.97 29.87
N THR A 143 9.34 5.82 29.40
CA THR A 143 8.63 4.59 29.75
C THR A 143 8.98 3.48 28.74
N ARG A 144 8.65 2.25 29.13
CA ARG A 144 9.06 1.08 28.34
C ARG A 144 7.86 0.12 28.23
N LEU A 145 7.76 -0.56 27.08
CA LEU A 145 6.73 -1.56 26.83
C LEU A 145 7.40 -2.80 26.27
N ARG A 146 6.93 -3.96 26.70
CA ARG A 146 7.42 -5.24 26.26
C ARG A 146 6.38 -5.96 25.41
N ALA A 147 6.81 -6.56 24.31
CA ALA A 147 5.91 -7.43 23.56
C ALA A 147 6.71 -8.60 23.02
N ARG A 148 6.02 -9.48 22.30
CA ARG A 148 6.71 -10.56 21.62
C ARG A 148 7.34 -10.10 20.32
N TYR A 149 6.71 -9.15 19.61
CA TYR A 149 7.25 -8.64 18.35
C TYR A 149 6.99 -7.15 18.29
N LEU A 150 7.77 -6.50 17.46
CA LEU A 150 7.61 -5.08 17.25
C LEU A 150 7.65 -4.87 15.75
N VAL A 151 6.72 -4.09 15.20
CA VAL A 151 6.73 -3.82 13.76
C VAL A 151 6.88 -2.32 13.57
N GLY A 152 7.96 -1.94 12.86
CA GLY A 152 8.17 -0.53 12.59
C GLY A 152 7.30 -0.16 11.39
N CYS A 153 6.21 0.56 11.68
CA CYS A 153 5.33 1.13 10.65
C CYS A 153 5.45 2.66 10.73
N ASP A 154 6.68 3.14 10.91
CA ASP A 154 6.87 4.51 11.35
C ASP A 154 7.42 5.41 10.24
N GLY A 155 7.07 5.10 8.99
CA GLY A 155 7.22 6.02 7.88
C GLY A 155 8.62 6.07 7.27
N GLY A 156 8.76 6.94 6.27
CA GLY A 156 9.96 6.88 5.43
C GLY A 156 11.27 7.24 6.14
N ARG A 157 11.20 7.99 7.23
CA ARG A 157 12.38 8.25 8.07
C ARG A 157 12.32 7.43 9.35
N SER A 158 11.83 6.19 9.22
CA SER A 158 11.62 5.26 10.32
C SER A 158 12.72 5.26 11.38
N THR A 159 12.31 5.48 12.63
CA THR A 159 13.20 5.30 13.77
C THR A 159 13.61 3.84 13.91
N VAL A 160 12.64 2.94 13.78
CA VAL A 160 12.95 1.54 13.96
C VAL A 160 14.00 1.06 12.96
N ARG A 161 13.84 1.43 11.68
CA ARG A 161 14.83 1.02 10.68
C ARG A 161 16.23 1.51 11.07
N ARG A 162 16.31 2.72 11.58
CA ARG A 162 17.61 3.29 11.91
C ARG A 162 18.21 2.56 13.10
N LEU A 163 17.38 2.30 14.12
CA LEU A 163 17.89 1.65 15.33
C LEU A 163 18.36 0.24 15.04
N LEU A 164 17.66 -0.48 14.13
CA LEU A 164 18.05 -1.83 13.73
C LEU A 164 19.33 -1.86 12.90
N GLY A 165 19.74 -0.71 12.36
CA GLY A 165 20.91 -0.64 11.50
C GLY A 165 20.69 -1.30 10.17
N VAL A 166 19.45 -1.34 9.70
CA VAL A 166 19.10 -1.90 8.41
C VAL A 166 19.44 -0.89 7.32
N ASP A 167 20.28 -1.30 6.37
CA ASP A 167 20.66 -0.45 5.22
C ASP A 167 19.43 -0.11 4.39
N PHE A 168 19.46 1.06 3.78
CA PHE A 168 18.31 1.56 3.00
C PHE A 168 18.83 1.95 1.62
N PRO A 169 19.41 1.00 0.87
CA PRO A 169 20.10 1.33 -0.40
C PRO A 169 19.15 1.72 -1.53
N GLY A 170 19.70 2.41 -2.53
CA GLY A 170 18.83 2.76 -3.65
C GLY A 170 19.41 3.97 -4.35
N GLU A 171 18.53 4.70 -5.04
CA GLU A 171 18.92 5.92 -5.77
C GLU A 171 18.56 7.13 -4.92
N PRO A 172 19.46 8.09 -4.79
CA PRO A 172 19.18 9.28 -4.00
C PRO A 172 18.19 10.17 -4.73
N THR A 173 17.61 11.12 -4.01
CA THR A 173 16.83 12.17 -4.67
C THR A 173 17.68 12.95 -5.67
N ARG A 174 17.20 13.07 -6.91
CA ARG A 174 17.79 13.97 -7.90
C ARG A 174 16.83 15.04 -8.40
N VAL A 175 15.56 14.89 -8.12
CA VAL A 175 14.48 15.71 -8.66
C VAL A 175 13.53 15.95 -7.50
N GLU A 176 13.30 17.22 -7.16
CA GLU A 176 12.43 17.62 -6.07
C GLU A 176 11.23 18.39 -6.62
N THR A 177 10.10 18.27 -5.92
CA THR A 177 8.83 18.86 -6.32
C THR A 177 8.21 19.53 -5.09
N LEU A 178 7.61 20.70 -5.29
CA LEU A 178 6.92 21.40 -4.19
C LEU A 178 5.43 21.03 -4.21
N LEU A 179 4.85 21.02 -3.01
CA LEU A 179 3.45 20.77 -2.78
C LEU A 179 2.94 21.88 -1.84
N ALA A 180 1.85 22.54 -2.22
CA ALA A 180 1.39 23.66 -1.40
C ALA A 180 -0.12 23.71 -1.44
N ASP A 181 -0.74 23.88 -0.29
CA ASP A 181 -2.17 24.13 -0.23
C ASP A 181 -2.33 25.61 0.02
N VAL A 182 -2.79 26.35 -0.99
CA VAL A 182 -2.72 27.80 -0.95
C VAL A 182 -4.01 28.38 -1.52
N ARG A 183 -4.27 29.64 -1.21
CA ARG A 183 -5.30 30.39 -1.92
C ARG A 183 -4.68 31.06 -3.12
N ILE A 184 -5.53 31.44 -4.09
CA ILE A 184 -5.01 32.10 -5.30
C ILE A 184 -5.76 33.39 -5.48
N ASP A 185 -5.23 34.22 -6.39
CA ASP A 185 -5.83 35.51 -6.69
C ASP A 185 -6.21 35.61 -8.16
N VAL A 186 -6.41 34.48 -8.83
CA VAL A 186 -6.97 34.48 -10.18
C VAL A 186 -8.23 33.61 -10.19
N PRO A 187 -9.12 33.85 -11.14
CA PRO A 187 -10.30 32.98 -11.29
C PRO A 187 -9.87 31.58 -11.65
N VAL A 188 -10.67 30.59 -11.25
CA VAL A 188 -10.25 29.23 -11.51
C VAL A 188 -10.06 29.01 -13.03
N GLU A 189 -10.91 29.62 -13.85
CA GLU A 189 -10.79 29.38 -15.29
C GLU A 189 -9.44 29.87 -15.82
N THR A 190 -8.89 30.93 -15.20
CA THR A 190 -7.56 31.42 -15.59
C THR A 190 -6.49 30.46 -15.13
N LEU A 191 -6.60 30.00 -13.88
CA LEU A 191 -5.67 29.00 -13.39
C LEU A 191 -5.67 27.79 -14.32
N THR A 192 -6.87 27.29 -14.65
CA THR A 192 -7.00 26.10 -15.47
C THR A 192 -6.36 26.28 -16.85
N ALA A 193 -6.54 27.46 -17.45
CA ALA A 193 -6.02 27.71 -18.77
C ALA A 193 -4.50 27.68 -18.76
N VAL A 194 -3.89 28.28 -17.74
CA VAL A 194 -2.43 28.30 -17.68
C VAL A 194 -1.89 26.91 -17.40
N VAL A 195 -2.51 26.20 -16.43
CA VAL A 195 -2.07 24.85 -16.13
C VAL A 195 -2.11 23.95 -17.37
N ALA A 196 -3.14 24.11 -18.22
CA ALA A 196 -3.21 23.24 -19.38
C ALA A 196 -2.06 23.53 -20.34
N GLU A 197 -1.69 24.81 -20.46
CA GLU A 197 -0.60 25.22 -21.34
C GLU A 197 0.71 24.66 -20.81
N VAL A 198 0.99 24.88 -19.54
CA VAL A 198 2.16 24.23 -18.93
C VAL A 198 2.13 22.71 -19.12
N ARG A 199 1.00 22.05 -18.79
CA ARG A 199 0.99 20.59 -18.81
C ARG A 199 1.13 20.02 -20.20
N LYS A 200 1.14 20.84 -21.26
CA LYS A 200 1.51 20.31 -22.57
C LYS A 200 2.82 19.53 -22.46
N THR A 201 3.75 20.04 -21.64
CA THR A 201 5.15 19.61 -21.58
C THR A 201 5.63 19.27 -20.18
N GLN A 202 5.23 20.04 -19.19
CA GLN A 202 5.64 19.79 -17.80
C GLN A 202 4.46 19.14 -17.08
N LEU A 203 4.52 17.82 -16.90
CA LEU A 203 3.42 17.13 -16.23
C LEU A 203 3.61 17.02 -14.73
N ARG A 204 4.73 17.52 -14.21
CA ARG A 204 4.94 17.64 -12.77
C ARG A 204 4.43 18.96 -12.26
N PHE A 205 3.29 19.36 -12.76
CA PHE A 205 2.71 20.66 -12.46
C PHE A 205 1.22 20.51 -12.41
N GLY A 206 0.59 21.11 -11.42
CA GLY A 206 -0.85 21.16 -11.48
C GLY A 206 -1.41 21.91 -10.34
N ALA A 207 -2.75 21.97 -10.34
CA ALA A 207 -3.50 22.71 -9.30
C ALA A 207 -4.85 22.04 -9.11
N VAL A 208 -5.08 21.50 -7.92
CA VAL A 208 -6.27 20.72 -7.62
C VAL A 208 -7.07 21.42 -6.52
N PRO A 209 -8.30 21.83 -6.80
CA PRO A 209 -9.09 22.53 -5.75
C PRO A 209 -9.39 21.59 -4.59
N ALA A 210 -9.30 22.13 -3.34
CA ALA A 210 -9.86 21.48 -2.15
C ALA A 210 -11.34 21.80 -1.86
N GLY A 211 -11.97 22.71 -2.60
CA GLY A 211 -13.38 22.97 -2.42
C GLY A 211 -13.74 23.93 -1.31
N ASP A 212 -12.76 24.69 -0.81
CA ASP A 212 -12.98 25.67 0.26
C ASP A 212 -12.23 26.92 -0.10
N GLY A 213 -11.85 27.03 -1.38
CA GLY A 213 -11.05 28.10 -1.89
C GLY A 213 -9.57 27.84 -1.85
N PHE A 214 -9.13 26.79 -1.20
CA PHE A 214 -7.71 26.42 -1.29
C PHE A 214 -7.45 25.50 -2.48
N PHE A 215 -6.24 25.57 -3.00
CA PHE A 215 -5.78 24.69 -4.08
C PHE A 215 -4.52 23.99 -3.70
N ARG A 216 -4.42 22.72 -4.11
CA ARG A 216 -3.16 22.01 -4.00
C ARG A 216 -2.34 22.26 -5.28
N LEU A 217 -1.25 22.96 -5.12
CA LEU A 217 -0.38 23.25 -6.26
C LEU A 217 0.79 22.31 -6.18
N ILE A 218 1.15 21.74 -7.32
CA ILE A 218 2.33 20.92 -7.47
C ILE A 218 3.22 21.64 -8.49
N VAL A 219 4.48 21.87 -8.13
CA VAL A 219 5.34 22.62 -9.06
C VAL A 219 6.78 22.13 -8.88
N PRO A 220 7.53 21.95 -9.97
CA PRO A 220 8.93 21.51 -9.82
C PRO A 220 9.71 22.48 -8.96
N ALA A 221 10.59 21.95 -8.10
CA ALA A 221 11.58 22.78 -7.43
C ALA A 221 12.63 23.25 -8.43
N GLN A 222 13.42 24.22 -8.03
CA GLN A 222 14.60 24.66 -8.76
C GLN A 222 15.78 23.98 -8.09
N GLY A 223 16.35 23.02 -8.76
CA GLY A 223 17.48 22.38 -8.11
C GLY A 223 17.05 21.53 -6.94
N LEU A 224 18.05 21.21 -6.11
CA LEU A 224 17.90 20.44 -4.89
C LEU A 224 18.22 21.30 -3.67
N SER A 225 17.50 21.05 -2.58
CA SER A 225 17.66 21.85 -1.39
C SER A 225 18.62 21.17 -0.43
N ALA A 226 19.48 21.98 0.19
CA ALA A 226 20.35 21.45 1.23
C ALA A 226 19.56 21.01 2.46
N ASP A 227 18.64 21.87 2.94
CA ASP A 227 17.92 21.54 4.17
C ASP A 227 17.10 20.28 3.99
N ARG A 228 16.40 20.16 2.86
CA ARG A 228 15.22 19.30 2.65
C ARG A 228 14.02 19.84 3.42
N ALA A 229 14.18 21.02 4.02
CA ALA A 229 13.12 21.71 4.73
C ALA A 229 11.95 22.01 3.78
N ALA A 230 10.79 22.25 4.39
CA ALA A 230 9.63 22.72 3.65
C ALA A 230 9.98 24.01 2.94
N PRO A 231 9.42 24.25 1.77
CA PRO A 231 9.69 25.53 1.08
C PRO A 231 8.93 26.65 1.74
N THR A 232 9.51 27.84 1.61
CA THR A 232 8.78 29.06 1.94
C THR A 232 7.82 29.45 0.83
N LEU A 233 6.85 30.31 1.17
CA LEU A 233 6.01 30.92 0.15
C LEU A 233 6.85 31.58 -0.94
N ASP A 234 7.92 32.29 -0.54
CA ASP A 234 8.87 32.89 -1.49
C ASP A 234 9.44 31.87 -2.47
N GLU A 235 9.88 30.70 -1.98
CA GLU A 235 10.38 29.65 -2.89
C GLU A 235 9.25 29.11 -3.78
N LEU A 236 8.05 28.90 -3.23
CA LEU A 236 6.94 28.48 -4.07
C LEU A 236 6.71 29.48 -5.21
N LYS A 237 6.67 30.77 -4.89
CA LYS A 237 6.50 31.81 -5.91
C LYS A 237 7.60 31.73 -6.98
N ARG A 238 8.87 31.62 -6.57
CA ARG A 238 9.96 31.53 -7.54
C ARG A 238 9.73 30.34 -8.47
N CYS A 239 9.28 29.22 -7.91
CA CYS A 239 9.07 28.02 -8.68
C CYS A 239 7.88 28.16 -9.63
N LEU A 240 6.78 28.78 -9.15
CA LEU A 240 5.65 29.03 -10.05
C LEU A 240 6.03 29.97 -11.18
N HIS A 241 6.79 31.02 -10.89
CA HIS A 241 7.21 31.93 -11.96
C HIS A 241 8.00 31.19 -13.02
N ALA A 242 8.91 30.32 -12.58
CA ALA A 242 9.82 29.66 -13.48
C ALA A 242 9.09 28.68 -14.37
N THR A 243 8.12 27.97 -13.81
CA THR A 243 7.43 26.91 -14.55
C THR A 243 6.25 27.46 -15.32
N ALA A 244 5.50 28.35 -14.68
CA ALA A 244 4.26 28.85 -15.26
C ALA A 244 4.35 30.29 -15.73
N GLY A 245 5.42 31.03 -15.42
CA GLY A 245 5.43 32.42 -15.81
C GLY A 245 4.57 33.33 -14.99
N THR A 246 3.95 32.85 -13.91
CA THR A 246 3.11 33.65 -13.02
C THR A 246 3.04 32.87 -11.73
N ASP A 247 2.86 33.56 -10.61
CA ASP A 247 2.59 32.86 -9.35
C ASP A 247 1.12 32.89 -8.96
N PHE A 248 0.25 33.38 -9.84
CA PHE A 248 -1.20 33.31 -9.62
C PHE A 248 -1.65 34.11 -8.40
N GLY A 249 -0.76 34.90 -7.80
CA GLY A 249 -1.10 35.61 -6.59
C GLY A 249 -1.27 34.68 -5.41
N VAL A 250 -0.59 33.53 -5.42
CA VAL A 250 -0.73 32.59 -4.30
C VAL A 250 -0.47 33.31 -3.00
N HIS A 251 -1.25 32.91 -1.98
CA HIS A 251 -1.12 33.53 -0.68
C HIS A 251 -1.73 32.59 0.35
N SER A 252 -1.49 32.95 1.62
CA SER A 252 -2.08 32.28 2.77
C SER A 252 -1.90 30.75 2.80
N PRO A 253 -0.67 30.26 2.63
CA PRO A 253 -0.48 28.80 2.62
C PRO A 253 -0.95 28.20 3.94
N ARG A 254 -1.56 27.03 3.84
CA ARG A 254 -1.89 26.23 5.01
C ARG A 254 -1.10 24.94 5.04
N TRP A 255 -0.38 24.66 3.97
CA TRP A 255 0.55 23.56 3.97
C TRP A 255 1.61 23.86 2.93
N LEU A 256 2.87 23.67 3.30
CA LEU A 256 3.97 23.74 2.34
C LEU A 256 4.83 22.50 2.52
N SER A 257 5.13 21.82 1.40
CA SER A 257 5.90 20.58 1.48
C SER A 257 6.78 20.47 0.26
N ARG A 258 7.76 19.57 0.35
CA ARG A 258 8.63 19.25 -0.76
C ARG A 258 8.75 17.74 -0.78
N PHE A 259 8.82 17.13 -1.96
CA PHE A 259 9.13 15.71 -1.98
C PHE A 259 10.16 15.38 -3.05
N GLY A 260 11.05 14.43 -2.72
CA GLY A 260 12.12 14.03 -3.60
C GLY A 260 11.73 12.73 -4.34
N ASP A 261 12.56 12.33 -5.29
CA ASP A 261 12.29 11.12 -6.08
C ASP A 261 13.19 9.96 -5.69
N ALA A 262 13.83 10.00 -4.49
CA ALA A 262 14.66 8.85 -4.07
C ALA A 262 13.87 7.55 -4.10
N THR A 263 14.56 6.46 -4.44
CA THR A 263 13.96 5.13 -4.41
C THR A 263 14.84 4.25 -3.54
N ARG A 264 14.39 3.92 -2.33
CA ARG A 264 15.21 3.19 -1.36
C ARG A 264 14.43 2.02 -0.80
N LEU A 265 15.10 0.91 -0.51
CA LEU A 265 14.40 -0.31 -0.09
C LEU A 265 15.16 -0.95 1.04
N ALA A 266 14.48 -1.23 2.15
CA ALA A 266 15.18 -1.83 3.26
C ALA A 266 15.79 -3.15 2.87
N GLU A 267 17.06 -3.36 3.26
CA GLU A 267 17.76 -4.59 2.86
C GLU A 267 17.18 -5.83 3.54
N ARG A 268 16.61 -5.70 4.71
CA ARG A 268 15.98 -6.82 5.39
C ARG A 268 14.68 -6.33 6.00
N TYR A 269 13.56 -6.99 5.67
CA TYR A 269 12.34 -6.56 6.31
C TYR A 269 12.25 -7.04 7.74
N ARG A 270 12.96 -8.13 8.07
CA ARG A 270 12.91 -8.71 9.41
C ARG A 270 14.29 -8.76 10.03
N THR A 271 14.40 -8.38 11.30
CA THR A 271 15.64 -8.45 12.05
C THR A 271 15.18 -9.12 13.35
N GLY A 272 15.21 -10.45 13.42
CA GLY A 272 14.83 -11.09 14.67
C GLY A 272 13.33 -10.95 14.93
N ARG A 273 12.95 -10.37 16.07
CA ARG A 273 11.57 -10.12 16.45
C ARG A 273 11.04 -8.74 16.04
N VAL A 274 11.78 -8.01 15.21
CA VAL A 274 11.39 -6.68 14.75
C VAL A 274 11.27 -6.69 13.24
N LEU A 275 10.16 -6.19 12.71
CA LEU A 275 9.97 -6.17 11.26
C LEU A 275 9.68 -4.73 10.87
N LEU A 276 9.70 -4.48 9.57
CA LEU A 276 9.41 -3.20 8.96
C LEU A 276 8.30 -3.37 7.93
N ALA A 277 7.48 -2.33 7.77
CA ALA A 277 6.36 -2.39 6.82
C ALA A 277 6.00 -0.99 6.39
N GLY A 278 5.46 -0.85 5.15
CA GLY A 278 5.10 0.49 4.71
C GLY A 278 6.30 1.33 4.31
N ASP A 279 6.17 2.66 4.47
CA ASP A 279 7.26 3.53 4.05
C ASP A 279 8.53 3.26 4.87
N ALA A 280 8.37 2.70 6.08
CA ALA A 280 9.55 2.30 6.85
C ALA A 280 10.44 1.31 6.09
N ALA A 281 9.86 0.56 5.15
CA ALA A 281 10.60 -0.42 4.35
C ALA A 281 10.90 0.05 2.92
N HIS A 282 10.30 1.17 2.46
CA HIS A 282 10.53 1.58 1.07
C HIS A 282 10.00 2.99 0.83
N ILE A 283 10.79 3.79 0.09
CA ILE A 283 10.29 5.11 -0.32
C ILE A 283 10.46 5.20 -1.82
N HIS A 284 9.65 6.08 -2.42
CA HIS A 284 9.64 6.24 -3.87
C HIS A 284 8.73 7.44 -4.21
N PRO A 285 8.84 7.95 -5.44
CA PRO A 285 7.93 8.99 -5.96
C PRO A 285 6.47 8.60 -5.85
N PRO A 286 5.58 9.60 -5.81
CA PRO A 286 4.11 9.36 -5.78
C PRO A 286 3.52 9.08 -7.17
N THR A 287 4.36 9.04 -8.21
CA THR A 287 3.91 8.72 -9.58
C THR A 287 3.14 7.41 -9.58
N GLY A 288 1.87 7.45 -9.97
CA GLY A 288 1.05 6.25 -10.00
C GLY A 288 0.25 6.01 -8.72
N GLY A 289 0.56 6.73 -7.64
CA GLY A 289 -0.28 6.64 -6.44
C GLY A 289 -0.16 5.27 -5.77
N GLN A 290 1.07 4.82 -5.47
CA GLN A 290 1.28 3.43 -5.10
C GLN A 290 1.70 3.19 -3.67
N GLY A 291 2.23 4.19 -2.96
CA GLY A 291 2.88 3.87 -1.66
C GLY A 291 1.90 3.41 -0.57
N LEU A 292 0.82 4.16 -0.35
CA LEU A 292 -0.12 3.76 0.68
C LEU A 292 -0.67 2.39 0.33
N ASN A 293 -1.01 2.21 -0.94
CA ASN A 293 -1.47 0.91 -1.39
C ASN A 293 -0.47 -0.17 -1.05
N LEU A 294 0.82 0.06 -1.36
CA LEU A 294 1.87 -0.94 -1.11
C LEU A 294 1.98 -1.26 0.39
N GLY A 295 1.87 -0.22 1.20
CA GLY A 295 1.94 -0.42 2.64
C GLY A 295 0.78 -1.23 3.19
N ILE A 296 -0.45 -0.91 2.75
CA ILE A 296 -1.62 -1.70 3.16
C ILE A 296 -1.41 -3.16 2.79
N GLN A 297 -0.80 -3.39 1.63
CA GLN A 297 -0.63 -4.77 1.19
C GLN A 297 0.50 -5.43 1.95
N ASP A 298 1.50 -4.65 2.40
CA ASP A 298 2.51 -5.21 3.29
C ASP A 298 1.84 -5.73 4.55
N ALA A 299 0.99 -4.88 5.15
CA ALA A 299 0.30 -5.26 6.38
C ALA A 299 -0.55 -6.50 6.16
N PHE A 300 -1.20 -6.58 4.99
CA PHE A 300 -2.09 -7.70 4.70
C PHE A 300 -1.30 -9.00 4.50
N ASN A 301 -0.07 -8.89 4.03
CA ASN A 301 0.81 -10.06 3.95
C ASN A 301 1.28 -10.47 5.33
N LEU A 302 1.63 -9.50 6.16
CA LEU A 302 2.32 -9.81 7.40
C LEU A 302 1.34 -10.25 8.49
N GLY A 303 0.12 -9.71 8.51
CA GLY A 303 -0.67 -9.82 9.73
C GLY A 303 -1.00 -11.25 10.09
N TRP A 304 -1.53 -12.02 9.11
CA TRP A 304 -1.92 -13.38 9.46
C TRP A 304 -0.72 -14.22 9.79
N LYS A 305 0.44 -13.92 9.19
CA LYS A 305 1.68 -14.64 9.52
C LYS A 305 2.13 -14.37 10.95
N LEU A 306 2.14 -13.09 11.34
CA LEU A 306 2.53 -12.77 12.72
C LEU A 306 1.54 -13.39 13.69
N ALA A 307 0.28 -13.39 13.31
CA ALA A 307 -0.75 -13.98 14.18
C ALA A 307 -0.52 -15.49 14.36
N ALA A 308 -0.08 -16.16 13.30
CA ALA A 308 0.23 -17.57 13.34
C ALA A 308 1.41 -17.85 14.25
N ALA A 309 2.41 -16.95 14.25
CA ALA A 309 3.57 -17.09 15.12
C ALA A 309 3.17 -16.87 16.57
N ILE A 310 2.36 -15.85 16.83
CA ILE A 310 1.84 -15.63 18.19
C ILE A 310 1.01 -16.83 18.61
N GLY A 311 0.22 -17.38 17.68
CA GLY A 311 -0.64 -18.52 17.99
C GLY A 311 0.10 -19.82 18.15
N GLY A 312 1.36 -19.87 17.76
CA GLY A 312 2.19 -21.04 18.02
C GLY A 312 2.14 -22.11 16.96
N TRP A 313 1.43 -21.88 15.85
CA TRP A 313 1.32 -22.89 14.82
C TRP A 313 2.05 -22.54 13.54
N ALA A 314 2.58 -21.35 13.43
CA ALA A 314 3.25 -20.94 12.20
C ALA A 314 4.35 -21.95 11.89
N PRO A 315 4.46 -22.42 10.66
CA PRO A 315 5.62 -23.22 10.27
C PRO A 315 6.89 -22.38 10.44
N PRO A 316 8.05 -23.02 10.59
CA PRO A 316 9.26 -22.27 11.02
C PRO A 316 9.71 -21.21 10.03
N ASP A 317 9.40 -21.37 8.75
CA ASP A 317 9.79 -20.40 7.75
C ASP A 317 8.75 -19.32 7.51
N LEU A 318 7.58 -19.38 8.15
CA LEU A 318 6.47 -18.56 7.69
C LEU A 318 6.83 -17.09 7.79
N LEU A 319 7.38 -16.67 8.94
CA LEU A 319 7.56 -15.23 9.08
C LEU A 319 8.59 -14.70 8.08
N ASP A 320 9.58 -15.52 7.73
CA ASP A 320 10.60 -15.09 6.75
C ASP A 320 9.99 -14.91 5.37
N SER A 321 8.82 -15.50 5.12
CA SER A 321 8.18 -15.37 3.82
C SER A 321 7.58 -13.98 3.62
N TYR A 322 7.42 -13.20 4.69
CA TYR A 322 7.06 -11.78 4.55
C TYR A 322 8.13 -11.01 3.75
N HIS A 323 9.36 -10.94 4.28
CA HIS A 323 10.47 -10.39 3.46
C HIS A 323 10.47 -10.98 2.05
N ASP A 324 10.47 -12.31 1.97
CA ASP A 324 10.72 -12.96 0.68
C ASP A 324 9.70 -12.56 -0.38
N GLU A 325 8.46 -12.41 0.03
CA GLU A 325 7.39 -12.08 -0.91
C GLU A 325 7.28 -10.59 -1.13
N ARG A 326 7.42 -9.79 -0.07
CA ARG A 326 7.08 -8.36 -0.19
C ARG A 326 8.26 -7.52 -0.65
N HIS A 327 9.51 -7.91 -0.30
CA HIS A 327 10.68 -7.13 -0.74
C HIS A 327 10.75 -7.03 -2.26
N PRO A 328 10.59 -8.13 -3.03
CA PRO A 328 10.60 -8.02 -4.50
C PRO A 328 9.51 -7.12 -5.03
N VAL A 329 8.32 -7.16 -4.40
CA VAL A 329 7.20 -6.34 -4.85
C VAL A 329 7.55 -4.86 -4.74
N ALA A 330 8.05 -4.45 -3.57
CA ALA A 330 8.48 -3.06 -3.44
C ALA A 330 9.58 -2.73 -4.43
N ALA A 331 10.52 -3.66 -4.68
CA ALA A 331 11.58 -3.32 -5.64
C ALA A 331 10.99 -2.99 -6.99
N GLU A 332 9.92 -3.68 -7.36
CA GLU A 332 9.34 -3.40 -8.66
C GLU A 332 8.58 -2.08 -8.67
N VAL A 333 7.92 -1.74 -7.58
CA VAL A 333 7.31 -0.40 -7.50
C VAL A 333 8.39 0.65 -7.64
N LEU A 334 9.49 0.48 -6.91
CA LEU A 334 10.52 1.52 -6.98
C LEU A 334 10.98 1.70 -8.42
N ASP A 335 11.20 0.59 -9.12
CA ASP A 335 11.69 0.66 -10.52
C ASP A 335 10.66 1.30 -11.42
N ASN A 336 9.40 0.96 -11.21
CA ASN A 336 8.40 1.53 -12.12
C ASN A 336 8.23 3.01 -11.86
N THR A 337 8.47 3.48 -10.61
CA THR A 337 8.43 4.93 -10.37
C THR A 337 9.66 5.62 -10.98
N ARG A 338 10.81 4.95 -11.02
CA ARG A 338 11.95 5.55 -11.76
C ARG A 338 11.59 5.69 -13.22
N ALA A 339 10.94 4.67 -13.79
CA ALA A 339 10.55 4.77 -15.18
C ALA A 339 9.55 5.92 -15.39
N GLN A 340 8.57 6.06 -14.50
CA GLN A 340 7.60 7.11 -14.70
C GLN A 340 8.25 8.46 -14.58
N MET A 341 9.12 8.64 -13.58
CA MET A 341 9.78 9.94 -13.48
C MET A 341 10.53 10.30 -14.76
N THR A 342 11.26 9.33 -15.34
CA THR A 342 11.93 9.55 -16.64
C THR A 342 10.95 9.98 -17.71
N LEU A 343 9.74 9.40 -17.72
CA LEU A 343 8.73 9.76 -18.71
C LEU A 343 8.17 11.15 -18.49
N LEU A 344 8.47 11.76 -17.34
CA LEU A 344 8.05 13.14 -17.09
C LEU A 344 9.15 14.13 -17.32
N SER A 345 10.33 13.68 -17.74
CA SER A 345 11.49 14.58 -17.84
C SER A 345 11.30 15.50 -19.03
N LEU A 346 11.78 16.76 -18.90
CA LEU A 346 11.73 17.64 -20.05
C LEU A 346 12.88 17.44 -21.03
N ASP A 347 13.81 16.53 -20.76
CA ASP A 347 14.96 16.36 -21.67
C ASP A 347 14.47 15.76 -22.98
N PRO A 348 15.12 16.11 -24.09
CA PRO A 348 14.55 15.68 -25.37
C PRO A 348 14.53 14.18 -25.56
N GLY A 349 15.49 13.43 -25.02
CA GLY A 349 15.43 11.98 -25.17
C GLY A 349 14.18 11.41 -24.51
N PRO A 350 14.04 11.70 -23.21
CA PRO A 350 12.82 11.27 -22.52
C PRO A 350 11.55 11.78 -23.20
N ARG A 351 11.51 13.01 -23.72
CA ARG A 351 10.27 13.43 -24.39
C ARG A 351 9.96 12.53 -25.57
N ALA A 352 11.02 12.12 -26.30
CA ALA A 352 10.82 11.19 -27.41
C ALA A 352 10.34 9.83 -26.92
N VAL A 353 10.90 9.33 -25.80
CA VAL A 353 10.41 8.04 -25.28
C VAL A 353 8.95 8.16 -24.82
N ARG A 354 8.61 9.28 -24.22
CA ARG A 354 7.24 9.53 -23.85
C ARG A 354 6.29 9.52 -25.08
N ARG A 355 6.69 10.14 -26.19
CA ARG A 355 5.81 10.12 -27.35
C ARG A 355 5.60 8.69 -27.83
N LEU A 356 6.66 7.88 -27.75
CA LEU A 356 6.57 6.47 -28.13
C LEU A 356 5.59 5.73 -27.21
N MET A 357 5.73 5.94 -25.88
CA MET A 357 4.84 5.30 -24.91
C MET A 357 3.40 5.69 -25.14
N ALA A 358 3.19 6.96 -25.51
CA ALA A 358 1.83 7.39 -25.84
C ALA A 358 1.29 6.62 -27.04
N GLU A 359 2.12 6.29 -28.04
CA GLU A 359 1.63 5.42 -29.11
C GLU A 359 1.31 4.03 -28.56
N LEU A 360 2.20 3.47 -27.76
CA LEU A 360 2.03 2.08 -27.31
C LEU A 360 0.80 1.93 -26.42
N VAL A 361 0.49 2.92 -25.57
CA VAL A 361 -0.65 2.74 -24.66
C VAL A 361 -1.98 2.75 -25.39
N GLU A 362 -2.01 3.12 -26.69
CA GLU A 362 -3.25 2.90 -27.40
C GLU A 362 -3.51 1.42 -27.61
N PHE A 363 -2.48 0.55 -27.49
CA PHE A 363 -2.82 -0.87 -27.61
C PHE A 363 -3.42 -1.33 -26.29
N PRO A 364 -4.57 -2.00 -26.31
CA PRO A 364 -5.23 -2.39 -25.04
C PRO A 364 -4.37 -3.26 -24.13
N ASP A 365 -3.52 -4.12 -24.71
CA ASP A 365 -2.65 -4.97 -23.90
C ASP A 365 -1.69 -4.14 -23.08
N VAL A 366 -1.18 -3.08 -23.69
CA VAL A 366 -0.20 -2.23 -23.03
C VAL A 366 -0.86 -1.46 -21.90
N ASN A 367 -2.02 -0.85 -22.20
CA ASN A 367 -2.74 -0.04 -21.22
C ASN A 367 -3.09 -0.90 -20.00
N ARG A 368 -3.61 -2.09 -20.27
CA ARG A 368 -3.92 -3.04 -19.22
C ARG A 368 -2.68 -3.44 -18.45
N HIS A 369 -1.59 -3.74 -19.15
CA HIS A 369 -0.35 -4.11 -18.47
C HIS A 369 0.09 -3.02 -17.47
N LEU A 370 0.12 -1.76 -17.93
CA LEU A 370 0.59 -0.68 -17.03
C LEU A 370 -0.33 -0.49 -15.85
N ILE A 371 -1.64 -0.61 -16.06
CA ILE A 371 -2.58 -0.41 -14.95
C ILE A 371 -2.58 -1.64 -14.04
N GLU A 372 -2.44 -2.86 -14.60
CA GLU A 372 -2.28 -4.01 -13.70
C GLU A 372 -1.05 -3.83 -12.83
N LYS A 373 0.01 -3.25 -13.38
CA LYS A 373 1.22 -2.97 -12.61
C LYS A 373 0.93 -2.00 -11.46
N ILE A 374 0.40 -0.80 -11.79
CA ILE A 374 0.11 0.27 -10.85
C ILE A 374 -0.79 -0.23 -9.73
N THR A 375 -1.85 -0.96 -10.09
CA THR A 375 -2.91 -1.27 -9.14
C THR A 375 -2.63 -2.53 -8.36
N ALA A 376 -1.52 -3.21 -8.67
CA ALA A 376 -0.96 -4.34 -7.95
C ALA A 376 -1.77 -5.61 -8.11
N ILE A 377 -2.73 -5.67 -9.05
CA ILE A 377 -3.55 -6.88 -9.07
C ILE A 377 -2.78 -8.07 -9.67
N ALA A 378 -1.68 -7.82 -10.36
CA ALA A 378 -0.98 -8.92 -11.00
C ALA A 378 0.26 -9.38 -10.22
N VAL A 379 0.48 -8.87 -9.01
CA VAL A 379 1.55 -9.36 -8.13
C VAL A 379 1.48 -10.88 -8.05
N ARG A 380 2.62 -11.55 -8.25
CA ARG A 380 2.66 -13.00 -8.11
C ARG A 380 3.87 -13.36 -7.28
N TYR A 381 3.64 -13.97 -6.12
CA TYR A 381 4.74 -14.48 -5.31
C TYR A 381 5.24 -15.79 -5.87
N ASP A 382 6.51 -16.07 -5.65
CA ASP A 382 7.06 -17.33 -6.11
C ASP A 382 6.77 -18.36 -5.02
N LEU A 383 5.67 -19.06 -5.19
CA LEU A 383 5.32 -20.18 -4.34
C LEU A 383 5.54 -21.47 -5.12
N GLY A 384 6.36 -21.40 -6.16
CA GLY A 384 7.13 -22.50 -6.70
C GLY A 384 6.39 -23.52 -7.54
N ASP A 385 5.08 -23.42 -7.68
CA ASP A 385 4.42 -24.46 -8.43
C ASP A 385 4.45 -24.06 -9.89
N GLY A 386 3.77 -24.85 -10.73
CA GLY A 386 3.58 -24.50 -12.10
C GLY A 386 2.28 -23.76 -12.30
N HIS A 387 1.17 -24.21 -11.68
CA HIS A 387 -0.14 -23.71 -12.08
C HIS A 387 -0.13 -22.19 -11.99
N ASP A 388 -0.63 -21.55 -13.05
CA ASP A 388 -0.39 -20.13 -13.24
C ASP A 388 -1.05 -19.31 -12.15
N LEU A 389 -2.10 -19.83 -11.54
CA LEU A 389 -2.74 -19.09 -10.47
C LEU A 389 -1.91 -19.08 -9.18
N VAL A 390 -1.06 -20.09 -8.97
CA VAL A 390 -0.32 -20.19 -7.71
C VAL A 390 0.59 -18.98 -7.54
N GLY A 391 0.46 -18.33 -6.39
CA GLY A 391 1.19 -17.13 -6.06
C GLY A 391 0.45 -15.85 -6.34
N ARG A 392 -0.57 -15.88 -7.20
CA ARG A 392 -1.41 -14.71 -7.46
C ARG A 392 -2.56 -14.64 -6.47
N ARG A 393 -3.04 -13.41 -6.24
CA ARG A 393 -4.28 -13.34 -5.51
C ARG A 393 -5.41 -13.79 -6.43
N LEU A 394 -6.45 -14.31 -5.83
CA LEU A 394 -7.63 -14.70 -6.58
C LEU A 394 -8.64 -13.56 -6.54
N ARG A 395 -9.12 -13.15 -7.72
CA ARG A 395 -10.09 -12.08 -7.80
C ARG A 395 -11.39 -12.52 -7.17
N ASP A 396 -12.28 -11.56 -6.90
CA ASP A 396 -13.59 -11.95 -6.37
C ASP A 396 -14.34 -12.74 -7.43
N ILE A 397 -15.11 -13.74 -7.00
CA ILE A 397 -15.90 -14.53 -7.96
C ILE A 397 -17.25 -14.84 -7.36
N PRO A 398 -18.28 -14.95 -8.21
CA PRO A 398 -19.58 -15.33 -7.68
C PRO A 398 -19.61 -16.77 -7.20
N LEU A 399 -20.23 -16.97 -6.04
CA LEU A 399 -20.54 -18.29 -5.50
C LEU A 399 -21.97 -18.68 -5.92
N THR A 400 -22.38 -19.90 -5.53
CA THR A 400 -23.77 -20.28 -5.79
C THR A 400 -24.72 -19.23 -5.23
N GLU A 401 -24.50 -18.84 -3.99
CA GLU A 401 -25.09 -17.62 -3.44
C GLU A 401 -23.97 -16.76 -2.91
N GLY A 402 -23.97 -15.48 -3.27
CA GLY A 402 -22.98 -14.55 -2.70
C GLY A 402 -21.67 -14.59 -3.46
N ARG A 403 -20.63 -14.08 -2.83
CA ARG A 403 -19.36 -13.96 -3.51
C ARG A 403 -18.22 -14.38 -2.60
N LEU A 404 -17.12 -14.74 -3.23
CA LEU A 404 -15.94 -15.25 -2.53
C LEU A 404 -15.46 -14.31 -1.43
N TYR A 405 -15.35 -13.01 -1.72
CA TYR A 405 -14.78 -12.09 -0.74
C TYR A 405 -15.65 -11.95 0.50
N GLU A 406 -16.95 -12.23 0.39
CA GLU A 406 -17.82 -12.24 1.57
C GLU A 406 -17.46 -13.33 2.56
N ARG A 407 -16.80 -14.38 2.13
CA ARG A 407 -16.50 -15.47 3.06
C ARG A 407 -15.16 -15.31 3.73
N MET A 408 -14.39 -14.28 3.38
CA MET A 408 -13.02 -14.12 3.88
C MET A 408 -12.88 -13.19 5.08
N ARG A 409 -13.97 -12.72 5.66
CA ARG A 409 -13.89 -11.64 6.64
C ARG A 409 -13.28 -12.07 7.98
N GLY A 410 -13.17 -13.37 8.26
CA GLY A 410 -12.49 -13.87 9.45
C GLY A 410 -10.99 -13.91 9.35
N GLY A 411 -10.45 -13.79 8.14
CA GLY A 411 -9.02 -13.79 7.97
C GLY A 411 -8.37 -15.14 8.12
N ARG A 412 -9.09 -16.24 7.88
CA ARG A 412 -8.48 -17.57 7.88
C ARG A 412 -8.16 -17.96 6.46
N GLY A 413 -7.53 -19.13 6.28
CA GLY A 413 -7.41 -19.68 4.95
C GLY A 413 -8.78 -20.21 4.46
N LEU A 414 -8.80 -20.57 3.19
CA LEU A 414 -10.05 -20.91 2.51
C LEU A 414 -9.73 -21.87 1.38
N LEU A 415 -10.29 -23.07 1.45
CA LEU A 415 -10.20 -24.02 0.36
C LEU A 415 -11.47 -23.89 -0.46
N LEU A 416 -11.35 -23.34 -1.67
CA LEU A 416 -12.46 -23.21 -2.62
C LEU A 416 -12.48 -24.49 -3.43
N ASP A 417 -13.45 -25.35 -3.18
CA ASP A 417 -13.42 -26.73 -3.66
C ASP A 417 -14.66 -26.95 -4.50
N ARG A 418 -14.46 -27.29 -5.78
CA ARG A 418 -15.58 -27.54 -6.66
C ARG A 418 -15.80 -29.03 -6.88
N THR A 419 -14.95 -29.87 -6.30
CA THR A 419 -14.92 -31.29 -6.65
C THR A 419 -15.90 -32.16 -5.87
N GLY A 420 -16.46 -31.65 -4.78
CA GLY A 420 -17.26 -32.47 -3.91
C GLY A 420 -16.48 -33.48 -3.10
N ARG A 421 -15.15 -33.46 -3.15
CA ARG A 421 -14.38 -34.57 -2.61
C ARG A 421 -13.25 -34.20 -1.66
N LEU A 422 -12.86 -32.93 -1.56
CA LEU A 422 -11.67 -32.66 -0.76
C LEU A 422 -12.05 -32.47 0.71
N SER A 423 -11.02 -32.37 1.55
CA SER A 423 -11.26 -32.14 2.98
C SER A 423 -10.08 -31.40 3.58
N VAL A 424 -10.38 -30.45 4.48
CA VAL A 424 -9.34 -29.78 5.25
C VAL A 424 -9.30 -30.32 6.67
N SER A 425 -9.91 -31.47 6.92
CA SER A 425 -9.89 -32.03 8.26
C SER A 425 -8.45 -32.14 8.72
N GLY A 426 -8.22 -31.74 9.98
CA GLY A 426 -6.91 -31.52 10.51
C GLY A 426 -6.56 -30.07 10.58
N TRP A 427 -7.15 -29.23 9.72
CA TRP A 427 -6.80 -27.82 9.71
C TRP A 427 -8.04 -26.93 9.76
N SER A 428 -9.21 -27.46 10.13
CA SER A 428 -10.42 -26.66 9.94
C SER A 428 -10.45 -25.42 10.86
N ASP A 429 -9.71 -25.42 11.94
CA ASP A 429 -9.62 -24.20 12.77
C ASP A 429 -8.83 -23.10 12.08
N ARG A 430 -8.10 -23.43 11.03
CA ARG A 430 -7.28 -22.46 10.33
C ARG A 430 -7.68 -22.24 8.89
N VAL A 431 -8.42 -23.17 8.29
CA VAL A 431 -8.79 -23.16 6.87
C VAL A 431 -10.27 -23.51 6.79
N ASP A 432 -11.07 -22.61 6.23
CA ASP A 432 -12.48 -22.84 6.00
C ASP A 432 -12.60 -23.63 4.70
N HIS A 433 -13.56 -24.56 4.64
CA HIS A 433 -13.79 -25.35 3.43
C HIS A 433 -15.00 -24.73 2.76
N LEU A 434 -14.79 -24.07 1.63
CA LEU A 434 -15.89 -23.54 0.82
C LEU A 434 -16.16 -24.57 -0.29
N ALA A 435 -17.11 -25.46 -0.02
CA ALA A 435 -17.45 -26.57 -0.90
C ALA A 435 -18.61 -26.10 -1.78
N ASP A 436 -18.30 -25.64 -3.00
CA ASP A 436 -19.31 -25.04 -3.86
C ASP A 436 -18.99 -25.36 -5.33
N PRO A 437 -19.51 -26.47 -5.85
CA PRO A 437 -19.28 -26.78 -7.28
C PRO A 437 -19.78 -25.69 -8.22
N GLY A 438 -20.72 -24.87 -7.78
CA GLY A 438 -21.26 -23.77 -8.55
C GLY A 438 -20.38 -22.54 -8.63
N ALA A 439 -19.27 -22.48 -7.89
CA ALA A 439 -18.44 -21.28 -7.91
C ALA A 439 -17.85 -21.06 -9.29
N ALA A 440 -17.84 -19.79 -9.75
CA ALA A 440 -17.36 -19.44 -11.09
C ALA A 440 -15.84 -19.31 -11.09
N LEU A 441 -15.16 -20.46 -11.02
CA LEU A 441 -13.70 -20.49 -11.14
C LEU A 441 -13.32 -21.76 -11.84
N ASP A 442 -12.56 -21.67 -12.95
CA ASP A 442 -12.34 -22.89 -13.75
C ASP A 442 -11.09 -23.61 -13.28
N VAL A 443 -11.12 -24.03 -12.04
CA VAL A 443 -10.19 -25.05 -11.56
C VAL A 443 -10.95 -26.01 -10.69
N PRO A 444 -10.40 -27.18 -10.42
CA PRO A 444 -11.11 -28.12 -9.54
C PRO A 444 -11.23 -27.59 -8.13
N ALA A 445 -10.17 -26.93 -7.64
CA ALA A 445 -10.10 -26.40 -6.27
C ALA A 445 -8.86 -25.51 -6.16
N ALA A 446 -8.94 -24.53 -5.28
CA ALA A 446 -7.82 -23.64 -5.01
C ALA A 446 -7.75 -23.45 -3.51
N LEU A 447 -6.57 -23.68 -2.95
CA LEU A 447 -6.28 -23.34 -1.55
C LEU A 447 -5.82 -21.88 -1.48
N LEU A 448 -6.54 -21.05 -0.72
CA LEU A 448 -6.17 -19.64 -0.51
C LEU A 448 -5.59 -19.41 0.87
N ARG A 449 -4.44 -18.70 0.93
CA ARG A 449 -3.89 -18.18 2.16
C ARG A 449 -4.79 -17.08 2.73
N PRO A 450 -4.59 -16.67 3.97
CA PRO A 450 -5.48 -15.63 4.52
C PRO A 450 -5.38 -14.29 3.81
N ASP A 451 -4.37 -14.09 3.00
CA ASP A 451 -4.23 -12.86 2.21
C ASP A 451 -4.82 -13.02 0.83
N GLY A 452 -5.50 -14.15 0.57
CA GLY A 452 -6.17 -14.31 -0.70
C GLY A 452 -5.29 -14.82 -1.82
N HIS A 453 -3.99 -15.00 -1.57
CA HIS A 453 -3.10 -15.57 -2.56
C HIS A 453 -3.25 -17.09 -2.64
N VAL A 454 -3.25 -17.61 -3.85
CA VAL A 454 -3.39 -19.05 -4.13
C VAL A 454 -2.09 -19.79 -3.81
N ALA A 455 -2.14 -20.72 -2.81
CA ALA A 455 -1.07 -21.63 -2.41
C ALA A 455 -1.06 -22.93 -3.20
N TRP A 456 -2.21 -23.35 -3.67
CA TRP A 456 -2.31 -24.66 -4.32
C TRP A 456 -3.54 -24.72 -5.21
N VAL A 457 -3.41 -25.40 -6.34
CA VAL A 457 -4.54 -25.69 -7.24
C VAL A 457 -4.49 -27.18 -7.54
N GLY A 458 -5.60 -27.89 -7.40
CA GLY A 458 -5.58 -29.27 -7.84
C GLY A 458 -6.90 -29.95 -7.53
N GLU A 459 -6.89 -31.28 -7.59
CA GLU A 459 -8.11 -32.04 -7.34
C GLU A 459 -7.88 -33.31 -6.54
N ASP A 460 -6.65 -33.59 -6.11
CA ASP A 460 -6.27 -34.83 -5.44
C ASP A 460 -6.07 -34.53 -3.97
N GLN A 461 -6.85 -35.19 -3.11
CA GLN A 461 -6.80 -34.97 -1.67
C GLN A 461 -5.38 -35.15 -1.13
N ASP A 462 -4.70 -36.22 -1.57
CA ASP A 462 -3.36 -36.50 -1.08
C ASP A 462 -2.42 -35.36 -1.39
N ASP A 463 -2.47 -34.85 -2.63
CA ASP A 463 -1.70 -33.67 -3.01
C ASP A 463 -2.07 -32.47 -2.14
N LEU A 464 -3.37 -32.23 -1.92
CA LEU A 464 -3.79 -31.12 -1.06
C LEU A 464 -3.21 -31.27 0.35
N LEU A 465 -3.31 -32.48 0.93
CA LEU A 465 -2.67 -32.73 2.23
C LEU A 465 -1.17 -32.38 2.21
N ALA A 466 -0.51 -32.58 1.08
CA ALA A 466 0.92 -32.31 1.01
C ALA A 466 1.22 -30.82 1.05
N HIS A 467 0.30 -29.97 0.57
CA HIS A 467 0.59 -28.55 0.53
C HIS A 467 0.05 -27.82 1.77
N LEU A 468 -0.93 -28.39 2.48
CA LEU A 468 -1.51 -27.68 3.62
C LEU A 468 -0.47 -27.26 4.67
N PRO A 469 0.48 -28.10 5.11
CA PRO A 469 1.37 -27.65 6.19
C PRO A 469 2.22 -26.49 5.83
N ARG A 470 2.49 -26.22 4.53
CA ARG A 470 3.49 -25.19 4.24
C ARG A 470 3.03 -23.85 4.76
N TRP A 471 1.76 -23.54 4.61
CA TRP A 471 1.23 -22.28 5.05
C TRP A 471 0.49 -22.36 6.36
N PHE A 472 0.03 -23.55 6.75
CA PHE A 472 -0.92 -23.67 7.86
C PHE A 472 -0.41 -24.50 9.02
N GLY A 473 0.87 -24.90 9.01
CA GLY A 473 1.42 -25.71 10.08
C GLY A 473 0.84 -27.13 10.14
N ALA A 474 0.96 -27.73 11.33
CA ALA A 474 0.72 -29.15 11.49
C ALA A 474 -0.76 -29.42 11.77
N ALA A 475 -1.25 -30.54 11.25
CA ALA A 475 -2.61 -30.95 11.55
C ALA A 475 -2.82 -31.05 13.06
N THR A 476 -4.05 -30.82 13.48
CA THR A 476 -4.39 -31.01 14.88
C THR A 476 -5.63 -31.85 14.85
#